data_1OSE
#
_entry.id   1OSE
#
_cell.length_a   70.600
_cell.length_b   114.700
_cell.length_c   118.500
_cell.angle_alpha   90.00
_cell.angle_beta   90.00
_cell.angle_gamma   90.00
#
_symmetry.space_group_name_H-M   'P 21 21 21'
#
loop_
_entity.id
_entity.type
_entity.pdbx_description
1 polymer 'PORCINE ALPHA-AMYLASE'
2 branched 4,6-dideoxy-4-{[(1S,4R,5S,6S)-4,5,6-trihydroxy-3-(hydroxymethyl)cyclohex-2-en-1-yl]amino}-alpha-D-glucopyranose-(1-4)-alpha-D-glucopyranose-(1-4)-4,6-dideoxy-4-{[(1S,4R,5S,6S)-4,5,6-trihydroxy-3-(hydroxymethyl)cyclohex-2-en-1-yl]amino}-alpha-D-glucopyranose-(1-4)-beta-D-glucopyranose
3 non-polymer beta-D-glucopyranose
4 non-polymer 'CHLORIDE ION'
5 non-polymer 'CALCIUM ION'
6 water water
#
_entity_poly.entity_id   1
_entity_poly.type   'polypeptide(L)'
_entity_poly.pdbx_seq_one_letter_code
;(PCA)YAPQTQSGRTSIVHLFEWRWVDIALECERYLGPKGFGGVQVSPPNENIVVTNPSRPWWERYQPVSYKLCTRSGNE
NEFRDMVTRCNNVGVRIYVDAVINHMCGSGAAAGTGTTCGSYCNPGSREFPAVPYSAWDFNDGKCKTASGGIESYNDPYQ
VRDCQLVGLLDLALEKDYVRSMIADYLNKLIDIGVAGFRIDASKHMWPGDIKAVLDKLHNLNTNWFPAGSRPFIFQEVID
LGGEAIQSSEYFGNGRVTEFKYGAKLGTVVRKWSGEKMSYLKNWGEGWGFMPSDRALVFVDNHDNQRGHGAGGASILTFW
DARLYKVAVGFMLAHPYGFTRVMSSYRWARNFVNGEDVNDWIGPPNNNGVIKEVTINADTTCGNDWVCEHRWREIRNMVW
FRNVVDGEPFANWWDNGSNQVAFGRGNRGFIVFNNDDWQLSSTLQTGLPGGTYCDVISGDKVGNSCTGIKVYVSSDGTAQ
FSISNSAEDPFIAIHAESKL
;
_entity_poly.pdbx_strand_id   A
#
# COMPACT_ATOMS: atom_id res chain seq x y z
N TYR A 2 5.52 -8.40 12.92
CA TYR A 2 5.29 -6.96 12.97
C TYR A 2 6.44 -6.14 12.40
N ALA A 3 7.65 -6.66 12.46
CA ALA A 3 8.81 -5.95 11.93
C ALA A 3 8.81 -6.08 10.42
N PRO A 4 8.89 -4.94 9.71
CA PRO A 4 8.91 -4.92 8.24
C PRO A 4 10.11 -5.61 7.60
N GLN A 5 11.17 -5.81 8.38
CA GLN A 5 12.39 -6.47 7.89
C GLN A 5 13.11 -5.70 6.78
N THR A 6 12.91 -4.39 6.73
CA THR A 6 13.55 -3.56 5.73
C THR A 6 14.98 -3.30 6.19
N GLN A 7 15.85 -2.90 5.26
CA GLN A 7 17.21 -2.60 5.60
C GLN A 7 17.16 -1.42 6.56
N SER A 8 18.00 -1.44 7.58
CA SER A 8 18.05 -0.38 8.58
C SER A 8 17.98 1.02 7.99
N GLY A 9 17.14 1.86 8.60
CA GLY A 9 16.99 3.23 8.14
C GLY A 9 15.94 3.44 7.07
N ARG A 10 15.34 2.38 6.56
CA ARG A 10 14.32 2.51 5.53
C ARG A 10 12.95 2.30 6.15
N THR A 11 12.06 3.26 5.96
CA THR A 11 10.75 3.24 6.59
C THR A 11 9.46 3.14 5.79
N SER A 12 9.52 2.92 4.48
CA SER A 12 8.30 2.81 3.69
C SER A 12 8.39 1.79 2.57
N ILE A 13 7.24 1.38 2.06
CA ILE A 13 7.18 0.44 0.94
C ILE A 13 6.30 1.07 -0.14
N VAL A 14 6.50 0.68 -1.40
CA VAL A 14 5.72 1.22 -2.50
C VAL A 14 4.90 0.11 -3.13
N HIS A 15 3.66 0.40 -3.48
CA HIS A 15 2.86 -0.60 -4.16
C HIS A 15 3.02 -0.32 -5.66
N LEU A 16 3.91 -1.06 -6.30
CA LEU A 16 4.10 -0.90 -7.74
C LEU A 16 3.02 -1.74 -8.40
N PHE A 17 1.81 -1.19 -8.37
CA PHE A 17 0.61 -1.82 -8.89
C PHE A 17 0.70 -2.28 -10.34
N GLU A 18 0.54 -3.58 -10.56
CA GLU A 18 0.56 -4.17 -11.90
C GLU A 18 1.85 -4.07 -12.71
N TRP A 19 2.95 -3.68 -12.07
CA TRP A 19 4.22 -3.56 -12.78
C TRP A 19 4.75 -4.94 -13.18
N ARG A 20 5.57 -4.97 -14.22
CA ARG A 20 6.17 -6.21 -14.69
C ARG A 20 7.42 -6.43 -13.85
N TRP A 21 7.78 -7.69 -13.61
CA TRP A 21 8.94 -8.02 -12.80
C TRP A 21 10.21 -7.36 -13.30
N VAL A 22 10.44 -7.37 -14.61
CA VAL A 22 11.65 -6.74 -15.15
C VAL A 22 11.73 -5.24 -14.84
N ASP A 23 10.62 -4.53 -14.98
CA ASP A 23 10.59 -3.10 -14.70
C ASP A 23 10.86 -2.81 -13.22
N ILE A 24 10.33 -3.65 -12.33
CA ILE A 24 10.56 -3.48 -10.91
C ILE A 24 12.03 -3.69 -10.59
N ALA A 25 12.63 -4.71 -11.20
CA ALA A 25 14.05 -5.02 -10.99
C ALA A 25 14.91 -3.81 -11.34
N LEU A 26 14.61 -3.20 -12.48
CA LEU A 26 15.32 -2.01 -12.94
C LEU A 26 15.08 -0.87 -11.97
N GLU A 27 13.82 -0.65 -11.62
CA GLU A 27 13.42 0.42 -10.71
C GLU A 27 14.16 0.32 -9.38
N CYS A 28 14.40 -0.89 -8.91
CA CYS A 28 15.11 -1.12 -7.65
C CYS A 28 16.54 -0.59 -7.71
N GLU A 29 17.21 -0.88 -8.81
CA GLU A 29 18.60 -0.48 -9.01
C GLU A 29 18.81 0.99 -9.37
N ARG A 30 17.94 1.55 -10.20
CA ARG A 30 18.07 2.94 -10.64
C ARG A 30 17.40 3.98 -9.74
N TYR A 31 16.40 3.58 -8.96
CA TYR A 31 15.71 4.56 -8.14
C TYR A 31 15.41 4.17 -6.68
N LEU A 32 14.64 3.10 -6.48
CA LEU A 32 14.26 2.68 -5.13
C LEU A 32 15.43 2.53 -4.17
N GLY A 33 16.48 1.85 -4.64
CA GLY A 33 17.65 1.66 -3.82
C GLY A 33 18.29 2.99 -3.46
N PRO A 34 18.77 3.73 -4.45
CA PRO A 34 19.40 5.03 -4.17
C PRO A 34 18.52 6.01 -3.39
N LYS A 35 17.21 5.98 -3.59
CA LYS A 35 16.31 6.90 -2.89
C LYS A 35 15.76 6.46 -1.55
N GLY A 36 16.40 5.46 -0.93
CA GLY A 36 15.98 5.02 0.39
C GLY A 36 14.61 4.39 0.58
N PHE A 37 14.03 3.80 -0.45
CA PHE A 37 12.75 3.15 -0.30
C PHE A 37 12.95 1.81 0.40
N GLY A 38 12.09 1.50 1.35
CA GLY A 38 12.20 0.26 2.10
C GLY A 38 11.89 -1.02 1.35
N GLY A 39 10.89 -1.00 0.48
CA GLY A 39 10.53 -2.19 -0.26
C GLY A 39 9.40 -1.99 -1.25
N VAL A 40 8.99 -3.06 -1.91
CA VAL A 40 7.93 -2.99 -2.89
C VAL A 40 6.90 -4.09 -2.69
N GLN A 41 5.63 -3.72 -2.78
CA GLN A 41 4.53 -4.66 -2.68
C GLN A 41 4.19 -4.94 -4.14
N VAL A 42 4.27 -6.20 -4.55
CA VAL A 42 3.98 -6.58 -5.93
C VAL A 42 2.58 -7.14 -6.07
N SER A 43 2.10 -7.20 -7.30
CA SER A 43 0.79 -7.75 -7.60
C SER A 43 0.88 -9.28 -7.46
N PRO A 44 -0.27 -9.97 -7.32
CA PRO A 44 -0.25 -11.43 -7.18
C PRO A 44 0.61 -12.07 -8.26
N PRO A 45 1.70 -12.76 -7.85
CA PRO A 45 2.64 -13.43 -8.76
C PRO A 45 2.22 -14.82 -9.24
N ASN A 46 1.11 -15.34 -8.72
CA ASN A 46 0.62 -16.67 -9.10
C ASN A 46 -0.38 -16.60 -10.25
N GLU A 47 -0.53 -17.72 -10.94
CA GLU A 47 -1.42 -17.82 -12.09
C GLU A 47 -2.89 -17.51 -11.80
N ASN A 48 -3.50 -16.75 -12.71
CA ASN A 48 -4.89 -16.35 -12.56
C ASN A 48 -5.70 -16.66 -13.82
N ILE A 49 -7.01 -16.50 -13.71
CA ILE A 49 -7.90 -16.76 -14.84
C ILE A 49 -7.89 -15.57 -15.80
N VAL A 50 -8.03 -15.84 -17.09
CA VAL A 50 -8.07 -14.79 -18.10
C VAL A 50 -9.51 -14.33 -18.30
N VAL A 51 -9.80 -13.10 -17.88
CA VAL A 51 -11.12 -12.51 -18.01
C VAL A 51 -11.10 -11.70 -19.31
N THR A 52 -11.90 -12.13 -20.28
CA THR A 52 -11.99 -11.47 -21.58
C THR A 52 -13.15 -10.48 -21.66
N ASN A 53 -14.03 -10.50 -20.67
CA ASN A 53 -15.17 -9.60 -20.64
C ASN A 53 -15.39 -9.07 -19.22
N PRO A 54 -14.93 -7.84 -18.93
CA PRO A 54 -14.20 -6.94 -19.84
C PRO A 54 -12.76 -7.38 -20.15
N SER A 55 -12.13 -6.72 -21.12
CA SER A 55 -10.78 -7.05 -21.57
C SER A 55 -9.65 -6.93 -20.54
N ARG A 56 -9.26 -8.07 -19.98
CA ARG A 56 -8.16 -8.15 -19.02
C ARG A 56 -8.22 -7.10 -17.92
N PRO A 57 -9.24 -7.14 -17.07
CA PRO A 57 -9.35 -6.15 -15.99
C PRO A 57 -8.25 -6.35 -14.96
N TRP A 58 -8.03 -5.35 -14.11
CA TRP A 58 -7.00 -5.46 -13.09
C TRP A 58 -7.36 -6.54 -12.05
N TRP A 59 -8.66 -6.70 -11.81
CA TRP A 59 -9.13 -7.68 -10.83
C TRP A 59 -9.06 -9.15 -11.17
N GLU A 60 -8.72 -9.50 -12.41
CA GLU A 60 -8.63 -10.92 -12.76
C GLU A 60 -7.46 -11.57 -12.00
N ARG A 61 -6.51 -10.76 -11.52
CA ARG A 61 -5.38 -11.27 -10.78
C ARG A 61 -5.74 -11.70 -9.35
N TYR A 62 -6.99 -11.45 -8.97
CA TYR A 62 -7.48 -11.82 -7.65
C TYR A 62 -8.36 -13.06 -7.74
N GLN A 63 -8.21 -13.78 -8.85
CA GLN A 63 -8.95 -15.01 -9.11
C GLN A 63 -7.92 -16.08 -9.51
N PRO A 64 -7.25 -16.69 -8.51
CA PRO A 64 -6.24 -17.73 -8.73
C PRO A 64 -6.74 -19.02 -9.37
N VAL A 65 -5.86 -19.69 -10.10
CA VAL A 65 -6.16 -20.97 -10.74
C VAL A 65 -5.07 -21.99 -10.39
N SER A 66 -3.96 -21.51 -9.84
CA SER A 66 -2.85 -22.38 -9.43
C SER A 66 -1.85 -21.53 -8.67
N TYR A 67 -0.74 -22.12 -8.24
CA TYR A 67 0.28 -21.36 -7.53
C TYR A 67 1.58 -21.24 -8.33
N LYS A 68 1.47 -21.42 -9.64
CA LYS A 68 2.60 -21.28 -10.54
C LYS A 68 2.92 -19.80 -10.69
N LEU A 69 4.21 -19.44 -10.61
CA LEU A 69 4.66 -18.05 -10.73
C LEU A 69 4.65 -17.70 -12.21
N CYS A 70 3.47 -17.45 -12.74
CA CYS A 70 3.31 -17.21 -14.15
C CYS A 70 2.12 -16.27 -14.43
N THR A 71 2.43 -14.99 -14.69
CA THR A 71 1.41 -13.97 -14.92
C THR A 71 1.83 -12.96 -15.99
N ARG A 72 1.01 -11.92 -16.16
CA ARG A 72 1.30 -10.86 -17.12
C ARG A 72 2.51 -10.03 -16.70
N SER A 73 2.87 -10.13 -15.43
CA SER A 73 4.03 -9.42 -14.91
C SER A 73 5.30 -10.20 -15.27
N GLY A 74 5.14 -11.48 -15.58
CA GLY A 74 6.29 -12.28 -15.95
C GLY A 74 6.26 -13.71 -15.45
N ASN A 75 7.34 -14.44 -15.70
CA ASN A 75 7.48 -15.83 -15.29
C ASN A 75 8.36 -15.97 -14.06
N GLU A 76 8.53 -17.19 -13.58
CA GLU A 76 9.34 -17.46 -12.39
C GLU A 76 10.80 -17.01 -12.48
N ASN A 77 11.40 -17.11 -13.65
CA ASN A 77 12.79 -16.69 -13.82
C ASN A 77 12.88 -15.20 -13.57
N GLU A 78 12.00 -14.47 -14.22
CA GLU A 78 11.94 -13.02 -14.08
C GLU A 78 11.61 -12.63 -12.64
N PHE A 79 10.73 -13.39 -11.99
CA PHE A 79 10.39 -13.11 -10.61
C PHE A 79 11.62 -13.28 -9.71
N ARG A 80 12.29 -14.41 -9.82
CA ARG A 80 13.48 -14.70 -9.03
C ARG A 80 14.57 -13.66 -9.24
N ASP A 81 14.73 -13.24 -10.49
CA ASP A 81 15.73 -12.25 -10.85
C ASP A 81 15.45 -10.91 -10.15
N MET A 82 14.19 -10.51 -10.17
CA MET A 82 13.76 -9.27 -9.55
C MET A 82 14.04 -9.28 -8.05
N VAL A 83 13.62 -10.34 -7.37
CA VAL A 83 13.82 -10.46 -5.92
C VAL A 83 15.30 -10.37 -5.57
N THR A 84 16.13 -11.07 -6.32
CA THR A 84 17.56 -11.07 -6.09
C THR A 84 18.16 -9.67 -6.27
N ARG A 85 17.85 -9.05 -7.41
CA ARG A 85 18.37 -7.72 -7.72
C ARG A 85 17.91 -6.64 -6.74
N CYS A 86 16.66 -6.74 -6.29
CA CYS A 86 16.11 -5.79 -5.33
C CYS A 86 16.71 -5.96 -3.95
N ASN A 87 16.79 -7.20 -3.47
CA ASN A 87 17.39 -7.46 -2.15
C ASN A 87 18.83 -6.99 -2.18
N ASN A 88 19.50 -7.21 -3.31
CA ASN A 88 20.90 -6.82 -3.48
C ASN A 88 21.16 -5.31 -3.37
N VAL A 89 20.14 -4.50 -3.63
CA VAL A 89 20.29 -3.06 -3.50
C VAL A 89 19.57 -2.54 -2.26
N GLY A 90 19.22 -3.45 -1.35
CA GLY A 90 18.56 -3.07 -0.12
C GLY A 90 17.06 -2.86 -0.13
N VAL A 91 16.41 -3.20 -1.25
CA VAL A 91 14.97 -3.05 -1.37
C VAL A 91 14.29 -4.42 -1.25
N ARG A 92 13.42 -4.56 -0.24
CA ARG A 92 12.73 -5.83 0.00
C ARG A 92 11.50 -5.99 -0.90
N ILE A 93 11.02 -7.21 -1.03
CA ILE A 93 9.85 -7.51 -1.85
C ILE A 93 8.79 -8.16 -0.98
N TYR A 94 7.57 -7.65 -1.07
CA TYR A 94 6.45 -8.17 -0.31
C TYR A 94 5.42 -8.65 -1.31
N VAL A 95 4.94 -9.88 -1.13
CA VAL A 95 3.97 -10.45 -2.05
C VAL A 95 2.51 -10.36 -1.64
N ASP A 96 1.65 -10.07 -2.60
CA ASP A 96 0.22 -9.99 -2.35
C ASP A 96 -0.24 -11.45 -2.43
N ALA A 97 -0.49 -12.06 -1.27
CA ALA A 97 -0.92 -13.45 -1.20
C ALA A 97 -2.45 -13.59 -1.24
N VAL A 98 -2.98 -14.09 -2.34
CA VAL A 98 -4.43 -14.30 -2.51
C VAL A 98 -4.67 -15.77 -2.12
N ILE A 99 -5.00 -15.99 -0.85
CA ILE A 99 -5.19 -17.34 -0.32
C ILE A 99 -6.57 -17.72 0.23
N ASN A 100 -7.53 -16.80 0.23
CA ASN A 100 -8.86 -17.10 0.76
C ASN A 100 -9.74 -17.80 -0.24
N HIS A 101 -9.36 -17.72 -1.51
CA HIS A 101 -10.20 -18.28 -2.56
C HIS A 101 -9.45 -18.55 -3.85
N MET A 102 -10.17 -19.15 -4.79
CA MET A 102 -9.68 -19.44 -6.12
C MET A 102 -10.50 -18.54 -7.05
N CYS A 103 -10.70 -18.94 -8.32
CA CYS A 103 -11.45 -18.10 -9.26
C CYS A 103 -12.97 -18.08 -9.08
N GLY A 104 -13.65 -17.25 -9.86
CA GLY A 104 -15.10 -17.15 -9.78
C GLY A 104 -15.77 -18.47 -10.07
N SER A 105 -16.73 -18.85 -9.24
CA SER A 105 -17.45 -20.11 -9.40
C SER A 105 -18.20 -20.20 -10.74
N GLY A 106 -18.50 -19.03 -11.30
CA GLY A 106 -19.20 -18.98 -12.57
C GLY A 106 -18.31 -19.03 -13.79
N ALA A 107 -17.00 -18.97 -13.59
CA ALA A 107 -16.06 -19.01 -14.71
C ALA A 107 -16.21 -20.31 -15.51
N ALA A 108 -15.83 -20.26 -16.78
CA ALA A 108 -15.94 -21.43 -17.63
C ALA A 108 -14.73 -22.35 -17.53
N ALA A 109 -14.98 -23.65 -17.64
CA ALA A 109 -13.91 -24.64 -17.58
C ALA A 109 -13.04 -24.48 -18.81
N GLY A 110 -11.74 -24.69 -18.65
CA GLY A 110 -10.85 -24.55 -19.78
C GLY A 110 -9.43 -24.15 -19.44
N THR A 111 -8.69 -23.71 -20.45
CA THR A 111 -7.31 -23.28 -20.27
C THR A 111 -7.14 -21.78 -20.51
N GLY A 112 -8.21 -21.01 -20.29
CA GLY A 112 -8.13 -19.57 -20.45
C GLY A 112 -7.52 -19.03 -19.17
N THR A 113 -6.25 -19.32 -18.96
CA THR A 113 -5.53 -18.93 -17.76
C THR A 113 -4.18 -18.34 -18.19
N THR A 114 -3.54 -17.56 -17.31
CA THR A 114 -2.28 -16.93 -17.67
C THR A 114 -1.13 -17.87 -17.96
N CYS A 115 -1.22 -19.11 -17.51
CA CYS A 115 -0.14 -20.06 -17.77
C CYS A 115 -0.58 -21.32 -18.53
N GLY A 116 -1.86 -21.40 -18.87
CA GLY A 116 -2.35 -22.56 -19.60
C GLY A 116 -2.84 -23.71 -18.75
N SER A 117 -2.77 -23.57 -17.44
CA SER A 117 -3.24 -24.61 -16.53
C SER A 117 -4.73 -24.80 -16.75
N TYR A 118 -5.17 -26.05 -16.69
CA TYR A 118 -6.58 -26.36 -16.85
C TYR A 118 -7.27 -26.16 -15.50
N CYS A 119 -8.54 -25.82 -15.54
CA CYS A 119 -9.32 -25.68 -14.33
C CYS A 119 -10.78 -25.76 -14.73
N ASN A 120 -11.61 -26.25 -13.82
CA ASN A 120 -13.04 -26.37 -14.06
C ASN A 120 -13.73 -25.84 -12.81
N PRO A 121 -13.99 -24.52 -12.75
CA PRO A 121 -14.64 -23.88 -11.60
C PRO A 121 -15.98 -24.52 -11.23
N GLY A 122 -16.74 -24.94 -12.24
CA GLY A 122 -18.02 -25.56 -11.99
C GLY A 122 -17.96 -26.79 -11.09
N SER A 123 -16.95 -27.63 -11.29
CA SER A 123 -16.78 -28.84 -10.49
C SER A 123 -15.70 -28.68 -9.40
N ARG A 124 -15.21 -27.46 -9.22
CA ARG A 124 -14.17 -27.18 -8.24
C ARG A 124 -12.91 -27.99 -8.54
N GLU A 125 -12.58 -28.12 -9.82
CA GLU A 125 -11.39 -28.86 -10.24
C GLU A 125 -10.26 -27.90 -10.55
N PHE A 126 -9.19 -28.00 -9.77
CA PHE A 126 -8.01 -27.18 -9.99
C PHE A 126 -6.83 -28.13 -9.97
N PRO A 127 -6.67 -28.90 -11.06
CA PRO A 127 -5.63 -29.90 -11.30
C PRO A 127 -4.21 -29.47 -11.01
N ALA A 128 -3.87 -28.24 -11.35
CA ALA A 128 -2.51 -27.73 -11.15
C ALA A 128 -2.06 -27.51 -9.72
N VAL A 129 -2.98 -27.57 -8.76
CA VAL A 129 -2.63 -27.35 -7.35
C VAL A 129 -2.14 -28.60 -6.60
N PRO A 130 -3.00 -29.64 -6.46
CA PRO A 130 -4.38 -29.76 -6.93
C PRO A 130 -5.44 -29.51 -5.86
N TYR A 131 -6.61 -29.05 -6.29
CA TYR A 131 -7.73 -28.81 -5.38
C TYR A 131 -8.92 -29.52 -5.99
N SER A 132 -9.83 -30.00 -5.15
CA SER A 132 -11.03 -30.69 -5.60
C SER A 132 -12.20 -30.16 -4.80
N ALA A 133 -13.40 -30.59 -5.17
CA ALA A 133 -14.62 -30.16 -4.52
C ALA A 133 -14.62 -30.14 -2.99
N TRP A 134 -13.94 -31.09 -2.36
CA TRP A 134 -13.91 -31.13 -0.90
C TRP A 134 -12.91 -30.19 -0.24
N ASP A 135 -12.26 -29.35 -1.03
CA ASP A 135 -11.31 -28.39 -0.48
C ASP A 135 -11.97 -27.02 -0.37
N PHE A 136 -13.25 -26.95 -0.70
CA PHE A 136 -14.00 -25.69 -0.66
C PHE A 136 -15.08 -25.69 0.40
N ASN A 137 -15.50 -24.48 0.78
CA ASN A 137 -16.48 -24.26 1.83
C ASN A 137 -17.94 -24.29 1.43
N ASP A 138 -18.23 -24.76 0.23
CA ASP A 138 -19.62 -24.80 -0.23
C ASP A 138 -20.55 -25.41 0.81
N GLY A 139 -20.14 -26.53 1.39
CA GLY A 139 -20.97 -27.19 2.39
C GLY A 139 -21.09 -26.47 3.72
N LYS A 140 -20.09 -25.65 4.05
CA LYS A 140 -20.08 -24.93 5.32
C LYS A 140 -20.91 -23.63 5.28
N CYS A 141 -21.00 -23.02 4.10
CA CYS A 141 -21.78 -21.79 3.96
C CYS A 141 -23.25 -22.13 4.15
N LYS A 142 -23.92 -21.36 5.00
CA LYS A 142 -25.33 -21.60 5.28
C LYS A 142 -26.33 -20.73 4.54
N THR A 143 -25.86 -19.74 3.78
CA THR A 143 -26.79 -18.88 3.06
C THR A 143 -27.40 -19.62 1.86
N ALA A 144 -28.55 -19.14 1.43
CA ALA A 144 -29.27 -19.72 0.31
C ALA A 144 -28.51 -19.59 -1.00
N SER A 145 -27.94 -18.41 -1.22
CA SER A 145 -27.17 -18.13 -2.43
C SER A 145 -25.73 -18.64 -2.35
N GLY A 146 -25.26 -18.95 -1.15
CA GLY A 146 -23.90 -19.40 -0.98
C GLY A 146 -22.94 -18.21 -0.95
N GLY A 147 -23.50 -17.01 -0.95
CA GLY A 147 -22.69 -15.81 -0.91
C GLY A 147 -22.90 -15.07 0.40
N ILE A 148 -22.12 -14.02 0.62
CA ILE A 148 -22.23 -13.23 1.84
C ILE A 148 -23.47 -12.35 1.74
N GLU A 149 -24.51 -12.71 2.45
CA GLU A 149 -25.75 -11.94 2.43
C GLU A 149 -25.80 -10.90 3.55
N SER A 150 -24.96 -11.07 4.55
CA SER A 150 -24.91 -10.14 5.66
C SER A 150 -23.52 -10.07 6.26
N TYR A 151 -23.02 -8.85 6.42
CA TYR A 151 -21.70 -8.64 7.00
C TYR A 151 -21.79 -8.57 8.54
N ASN A 152 -22.99 -8.80 9.06
CA ASN A 152 -23.21 -8.79 10.50
C ASN A 152 -23.02 -10.20 11.07
N ASP A 153 -22.83 -11.16 10.17
CA ASP A 153 -22.63 -12.56 10.54
C ASP A 153 -21.22 -13.01 10.17
N PRO A 154 -20.32 -13.15 11.16
CA PRO A 154 -18.92 -13.56 10.97
C PRO A 154 -18.78 -14.84 10.15
N TYR A 155 -19.71 -15.77 10.35
CA TYR A 155 -19.71 -17.04 9.64
C TYR A 155 -19.92 -16.89 8.15
N GLN A 156 -20.85 -16.04 7.74
CA GLN A 156 -21.10 -15.83 6.31
C GLN A 156 -19.91 -15.21 5.64
N VAL A 157 -19.35 -14.17 6.27
CA VAL A 157 -18.23 -13.49 5.65
C VAL A 157 -16.97 -14.35 5.53
N ARG A 158 -16.82 -15.32 6.43
CA ARG A 158 -15.64 -16.18 6.40
C ARG A 158 -15.83 -17.52 5.70
N ASP A 159 -17.04 -18.06 5.77
CA ASP A 159 -17.37 -19.36 5.17
C ASP A 159 -18.10 -19.33 3.82
N CYS A 160 -18.62 -18.17 3.44
CA CYS A 160 -19.32 -18.05 2.17
C CYS A 160 -18.51 -17.34 1.11
N GLN A 161 -19.03 -17.34 -0.10
CA GLN A 161 -18.35 -16.74 -1.24
C GLN A 161 -18.35 -15.21 -1.34
N LEU A 162 -17.14 -14.66 -1.41
CA LEU A 162 -16.92 -13.22 -1.56
C LEU A 162 -17.10 -13.00 -3.07
N VAL A 163 -18.12 -12.23 -3.45
CA VAL A 163 -18.44 -11.96 -4.85
C VAL A 163 -18.30 -13.15 -5.80
N GLY A 164 -18.87 -14.29 -5.41
CA GLY A 164 -18.83 -15.48 -6.23
C GLY A 164 -17.52 -16.23 -6.34
N LEU A 165 -16.52 -15.80 -5.61
CA LEU A 165 -15.21 -16.47 -5.63
C LEU A 165 -15.27 -17.76 -4.79
N LEU A 166 -14.75 -18.86 -5.35
CA LEU A 166 -14.74 -20.15 -4.67
C LEU A 166 -13.96 -20.07 -3.37
N ASP A 167 -14.64 -20.30 -2.25
CA ASP A 167 -14.04 -20.20 -0.93
C ASP A 167 -13.28 -21.44 -0.45
N LEU A 168 -11.99 -21.28 -0.23
CA LEU A 168 -11.12 -22.37 0.24
C LEU A 168 -11.44 -22.80 1.68
N ALA A 169 -11.44 -24.10 1.94
CA ALA A 169 -11.72 -24.63 3.27
C ALA A 169 -10.41 -24.59 4.05
N LEU A 170 -10.07 -23.40 4.53
CA LEU A 170 -8.82 -23.20 5.25
C LEU A 170 -8.65 -23.90 6.59
N GLU A 171 -9.67 -24.61 7.06
CA GLU A 171 -9.52 -25.31 8.32
C GLU A 171 -8.86 -26.67 8.08
N LYS A 172 -8.91 -27.14 6.82
CA LYS A 172 -8.31 -28.41 6.48
C LYS A 172 -6.81 -28.26 6.41
N ASP A 173 -6.09 -29.24 6.96
CA ASP A 173 -4.63 -29.17 6.94
C ASP A 173 -4.08 -29.30 5.52
N TYR A 174 -4.79 -30.03 4.65
CA TYR A 174 -4.36 -30.19 3.27
C TYR A 174 -4.25 -28.81 2.59
N VAL A 175 -5.33 -28.05 2.67
CA VAL A 175 -5.38 -26.70 2.08
C VAL A 175 -4.33 -25.82 2.76
N ARG A 176 -4.31 -25.86 4.08
CA ARG A 176 -3.34 -25.10 4.87
C ARG A 176 -1.93 -25.35 4.36
N SER A 177 -1.63 -26.63 4.11
CA SER A 177 -0.32 -27.05 3.63
C SER A 177 0.00 -26.62 2.20
N MET A 178 -0.99 -26.67 1.31
CA MET A 178 -0.79 -26.27 -0.09
C MET A 178 -0.39 -24.80 -0.12
N ILE A 179 -1.12 -23.99 0.64
CA ILE A 179 -0.85 -22.56 0.73
C ILE A 179 0.52 -22.31 1.35
N ALA A 180 0.84 -23.02 2.42
CA ALA A 180 2.14 -22.86 3.08
C ALA A 180 3.29 -23.18 2.13
N ASP A 181 3.14 -24.22 1.34
CA ASP A 181 4.19 -24.62 0.39
C ASP A 181 4.42 -23.52 -0.64
N TYR A 182 3.34 -22.85 -1.03
CA TYR A 182 3.41 -21.75 -2.00
C TYR A 182 4.19 -20.59 -1.38
N LEU A 183 3.80 -20.21 -0.17
CA LEU A 183 4.45 -19.10 0.53
C LEU A 183 5.90 -19.40 0.86
N ASN A 184 6.17 -20.65 1.25
CA ASN A 184 7.52 -21.08 1.59
C ASN A 184 8.48 -21.02 0.41
N LYS A 185 7.97 -21.30 -0.78
CA LYS A 185 8.76 -21.25 -2.00
C LYS A 185 9.21 -19.82 -2.24
N LEU A 186 8.29 -18.88 -2.03
CA LEU A 186 8.56 -17.45 -2.18
C LEU A 186 9.58 -16.98 -1.15
N ILE A 187 9.38 -17.37 0.10
CA ILE A 187 10.30 -17.00 1.17
C ILE A 187 11.72 -17.46 0.83
N ASP A 188 11.85 -18.70 0.36
CA ASP A 188 13.15 -19.26 -0.01
C ASP A 188 13.76 -18.48 -1.17
N ILE A 189 12.90 -18.02 -2.09
CA ILE A 189 13.36 -17.23 -3.23
C ILE A 189 13.99 -15.92 -2.72
N GLY A 190 13.46 -15.39 -1.62
CA GLY A 190 14.02 -14.17 -1.06
C GLY A 190 13.01 -13.13 -0.62
N VAL A 191 11.72 -13.43 -0.74
CA VAL A 191 10.66 -12.51 -0.35
C VAL A 191 10.73 -12.23 1.16
N ALA A 192 10.43 -10.99 1.56
CA ALA A 192 10.50 -10.57 2.97
C ALA A 192 9.20 -10.64 3.77
N GLY A 193 8.07 -10.73 3.07
CA GLY A 193 6.81 -10.77 3.79
C GLY A 193 5.64 -10.81 2.85
N PHE A 194 4.43 -10.77 3.40
CA PHE A 194 3.23 -10.87 2.57
C PHE A 194 2.11 -9.96 2.99
N ARG A 195 1.22 -9.73 2.03
CA ARG A 195 0.03 -8.97 2.29
C ARG A 195 -1.00 -10.06 2.18
N ILE A 196 -1.71 -10.34 3.27
CA ILE A 196 -2.71 -11.39 3.22
C ILE A 196 -4.01 -10.77 2.71
N ASP A 197 -4.31 -11.07 1.45
CA ASP A 197 -5.49 -10.55 0.79
C ASP A 197 -6.78 -11.12 1.36
N ALA A 198 -7.76 -10.24 1.58
CA ALA A 198 -9.08 -10.61 2.09
C ALA A 198 -9.04 -11.41 3.38
N SER A 199 -8.24 -10.94 4.34
CA SER A 199 -8.09 -11.60 5.64
C SER A 199 -9.39 -11.66 6.42
N LYS A 200 -10.18 -10.61 6.26
CA LYS A 200 -11.47 -10.50 6.92
C LYS A 200 -12.36 -11.69 6.56
N HIS A 201 -12.07 -12.35 5.45
CA HIS A 201 -12.87 -13.48 4.99
C HIS A 201 -12.29 -14.83 5.38
N MET A 202 -11.40 -14.82 6.37
CA MET A 202 -10.75 -16.01 6.88
C MET A 202 -10.73 -15.91 8.40
N TRP A 203 -10.74 -17.05 9.07
CA TRP A 203 -10.71 -17.04 10.52
C TRP A 203 -9.28 -16.77 10.94
N PRO A 204 -9.07 -15.88 11.92
CA PRO A 204 -7.73 -15.55 12.38
C PRO A 204 -6.92 -16.81 12.70
N GLY A 205 -7.60 -17.83 13.21
CA GLY A 205 -6.95 -19.09 13.54
C GLY A 205 -6.43 -19.83 12.33
N ASP A 206 -7.18 -19.82 11.24
CA ASP A 206 -6.75 -20.49 10.02
C ASP A 206 -5.50 -19.82 9.45
N ILE A 207 -5.47 -18.49 9.48
CA ILE A 207 -4.32 -17.74 8.98
C ILE A 207 -3.11 -18.09 9.85
N LYS A 208 -3.34 -18.13 11.17
CA LYS A 208 -2.29 -18.45 12.12
C LYS A 208 -1.69 -19.83 11.82
N ALA A 209 -2.55 -20.82 11.62
CA ALA A 209 -2.09 -22.18 11.31
C ALA A 209 -1.19 -22.20 10.08
N VAL A 210 -1.50 -21.36 9.10
CA VAL A 210 -0.68 -21.25 7.89
C VAL A 210 0.65 -20.57 8.20
N LEU A 211 0.58 -19.45 8.90
CA LEU A 211 1.78 -18.69 9.26
C LEU A 211 2.79 -19.51 10.05
N ASP A 212 2.30 -20.35 10.96
CA ASP A 212 3.18 -21.18 11.77
C ASP A 212 4.03 -22.17 10.96
N LYS A 213 3.62 -22.42 9.71
CA LYS A 213 4.34 -23.35 8.85
C LYS A 213 5.42 -22.68 8.02
N LEU A 214 5.45 -21.35 8.05
CA LEU A 214 6.41 -20.60 7.25
C LEU A 214 7.87 -20.68 7.66
N HIS A 215 8.73 -20.62 6.66
CA HIS A 215 10.17 -20.67 6.82
C HIS A 215 10.69 -19.33 7.31
N ASN A 216 11.89 -19.34 7.87
CA ASN A 216 12.54 -18.11 8.31
C ASN A 216 13.06 -17.49 7.02
N LEU A 217 13.33 -16.19 7.04
CA LEU A 217 13.80 -15.52 5.84
C LEU A 217 15.17 -15.99 5.36
N ASN A 218 15.36 -15.93 4.05
CA ASN A 218 16.59 -16.36 3.40
C ASN A 218 17.81 -15.64 3.97
N THR A 219 18.70 -16.40 4.61
CA THR A 219 19.91 -15.84 5.22
C THR A 219 20.91 -15.13 4.31
N ASN A 220 20.70 -15.18 3.00
CA ASN A 220 21.60 -14.47 2.08
C ASN A 220 21.46 -12.98 2.30
N TRP A 221 20.29 -12.56 2.77
CA TRP A 221 20.03 -11.14 3.00
C TRP A 221 19.53 -10.80 4.40
N PHE A 222 18.91 -11.76 5.05
CA PHE A 222 18.36 -11.53 6.39
C PHE A 222 19.10 -12.28 7.48
N PRO A 223 19.10 -11.75 8.70
CA PRO A 223 19.77 -12.38 9.84
C PRO A 223 19.06 -13.69 10.15
N ALA A 224 19.81 -14.65 10.67
CA ALA A 224 19.25 -15.95 11.01
C ALA A 224 18.06 -15.81 11.96
N GLY A 225 17.05 -16.65 11.75
CA GLY A 225 15.87 -16.61 12.59
C GLY A 225 14.89 -15.49 12.33
N SER A 226 14.98 -14.82 11.18
CA SER A 226 14.06 -13.73 10.87
C SER A 226 12.69 -14.23 10.43
N ARG A 227 11.66 -13.70 11.06
CA ARG A 227 10.29 -14.06 10.77
C ARG A 227 9.77 -13.12 9.66
N PRO A 228 8.97 -13.62 8.72
CA PRO A 228 8.44 -12.77 7.65
C PRO A 228 7.43 -11.72 8.13
N PHE A 229 7.46 -10.56 7.48
CA PHE A 229 6.57 -9.44 7.78
C PHE A 229 5.17 -9.80 7.28
N ILE A 230 4.17 -9.59 8.12
CA ILE A 230 2.79 -9.92 7.74
C ILE A 230 1.84 -8.76 7.94
N PHE A 231 1.11 -8.38 6.89
CA PHE A 231 0.08 -7.36 7.03
C PHE A 231 -1.18 -7.88 6.37
N GLN A 232 -2.24 -7.93 7.15
CA GLN A 232 -3.50 -8.46 6.69
C GLN A 232 -4.48 -7.42 6.23
N GLU A 233 -5.10 -7.64 5.07
CA GLU A 233 -6.08 -6.69 4.59
C GLU A 233 -7.40 -6.94 5.29
N VAL A 234 -7.71 -6.08 6.26
CA VAL A 234 -8.96 -6.19 7.00
C VAL A 234 -9.62 -4.83 6.97
N ILE A 235 -10.70 -4.71 6.21
CA ILE A 235 -11.43 -3.45 6.11
C ILE A 235 -12.38 -3.33 7.31
N ASP A 236 -12.02 -2.47 8.26
CA ASP A 236 -12.84 -2.25 9.45
C ASP A 236 -12.91 -0.76 9.77
N LEU A 237 -14.00 -0.13 9.36
CA LEU A 237 -14.22 1.29 9.59
C LEU A 237 -15.00 1.50 10.88
N GLY A 238 -15.00 0.48 11.73
CA GLY A 238 -15.72 0.55 12.99
C GLY A 238 -17.18 0.24 12.80
N GLY A 239 -17.85 -0.18 13.87
CA GLY A 239 -19.27 -0.48 13.75
C GLY A 239 -19.68 -1.65 12.86
N GLU A 240 -18.89 -2.71 12.89
CA GLU A 240 -19.20 -3.91 12.12
C GLU A 240 -18.86 -5.14 12.96
N ALA A 241 -19.45 -6.28 12.63
CA ALA A 241 -19.24 -7.51 13.40
C ALA A 241 -17.78 -7.94 13.55
N ILE A 242 -17.03 -7.93 12.47
CA ILE A 242 -15.62 -8.32 12.52
C ILE A 242 -14.75 -7.11 12.82
N GLN A 243 -13.88 -7.24 13.81
CA GLN A 243 -12.98 -6.16 14.22
C GLN A 243 -11.55 -6.47 13.79
N SER A 244 -10.80 -5.44 13.40
CA SER A 244 -9.42 -5.65 12.98
C SER A 244 -8.57 -6.23 14.10
N SER A 245 -8.95 -5.95 15.34
CA SER A 245 -8.21 -6.44 16.50
C SER A 245 -8.17 -7.95 16.62
N GLU A 246 -9.09 -8.64 15.95
CA GLU A 246 -9.13 -10.10 15.98
C GLU A 246 -7.91 -10.69 15.27
N TYR A 247 -7.20 -9.86 14.50
CA TYR A 247 -6.05 -10.32 13.72
C TYR A 247 -4.69 -9.87 14.22
N PHE A 248 -4.66 -9.17 15.35
CA PHE A 248 -3.41 -8.66 15.91
C PHE A 248 -2.39 -9.73 16.25
N GLY A 249 -2.84 -10.96 16.41
CA GLY A 249 -1.91 -12.03 16.76
C GLY A 249 -1.11 -12.59 15.60
N ASN A 250 -1.62 -12.37 14.39
CA ASN A 250 -0.96 -12.87 13.19
C ASN A 250 0.09 -11.90 12.64
N GLY A 251 -0.15 -10.60 12.84
CA GLY A 251 0.78 -9.61 12.33
C GLY A 251 0.11 -8.26 12.29
N ARG A 252 0.62 -7.36 11.45
CA ARG A 252 0.03 -6.03 11.34
C ARG A 252 -1.26 -6.12 10.51
N VAL A 253 -2.09 -5.10 10.61
CA VAL A 253 -3.37 -5.04 9.91
C VAL A 253 -3.49 -3.71 9.17
N THR A 254 -4.12 -3.71 8.01
CA THR A 254 -4.33 -2.48 7.23
C THR A 254 -5.33 -1.58 7.97
N GLU A 255 -4.91 -0.36 8.31
CA GLU A 255 -5.83 0.56 9.00
C GLU A 255 -6.53 1.43 7.97
N PHE A 256 -7.71 1.00 7.54
CA PHE A 256 -8.48 1.73 6.53
C PHE A 256 -9.15 3.03 7.03
N LYS A 257 -9.26 3.19 8.35
CA LYS A 257 -9.85 4.39 8.92
C LYS A 257 -8.93 5.57 8.66
N TYR A 258 -7.64 5.29 8.58
CA TYR A 258 -6.61 6.29 8.37
C TYR A 258 -6.85 7.10 7.10
N GLY A 259 -7.00 6.40 5.97
CA GLY A 259 -7.20 7.08 4.71
C GLY A 259 -8.57 7.73 4.58
N ALA A 260 -9.59 7.09 5.12
CA ALA A 260 -10.96 7.61 5.06
C ALA A 260 -11.10 8.93 5.80
N LYS A 261 -10.58 8.99 7.02
CA LYS A 261 -10.63 10.19 7.85
C LYS A 261 -9.73 11.32 7.33
N LEU A 262 -8.50 10.97 6.97
CA LEU A 262 -7.56 11.95 6.47
C LEU A 262 -8.09 12.62 5.20
N GLY A 263 -8.66 11.83 4.31
CA GLY A 263 -9.22 12.36 3.09
C GLY A 263 -10.29 13.39 3.40
N THR A 264 -11.13 13.09 4.39
CA THR A 264 -12.21 13.96 4.78
C THR A 264 -11.72 15.27 5.41
N VAL A 265 -10.69 15.16 6.25
CA VAL A 265 -10.11 16.31 6.92
C VAL A 265 -9.43 17.24 5.90
N VAL A 266 -8.57 16.68 5.06
CA VAL A 266 -7.85 17.46 4.05
C VAL A 266 -8.80 18.11 3.03
N ARG A 267 -9.95 17.48 2.76
CA ARG A 267 -10.94 18.04 1.83
C ARG A 267 -11.85 19.05 2.56
N LYS A 268 -11.78 19.04 3.89
CA LYS A 268 -12.57 19.92 4.74
C LYS A 268 -14.07 19.63 4.65
N TRP A 269 -14.41 18.34 4.72
CA TRP A 269 -15.78 17.86 4.66
C TRP A 269 -16.30 17.54 6.05
N SER A 270 -17.62 17.46 6.19
CA SER A 270 -18.26 17.11 7.46
C SER A 270 -17.79 17.95 8.65
N GLY A 271 -17.43 19.21 8.38
CA GLY A 271 -16.95 20.08 9.44
C GLY A 271 -15.57 19.78 9.99
N GLU A 272 -14.81 18.90 9.33
CA GLU A 272 -13.48 18.56 9.79
C GLU A 272 -12.45 19.63 9.41
N LYS A 273 -11.45 19.82 10.28
CA LYS A 273 -10.40 20.81 10.07
C LYS A 273 -9.05 20.16 10.37
N MET A 274 -7.99 20.62 9.71
CA MET A 274 -6.66 20.09 9.94
C MET A 274 -6.21 20.29 11.39
N SER A 275 -6.73 21.31 12.06
CA SER A 275 -6.35 21.56 13.44
C SER A 275 -6.77 20.43 14.37
N TYR A 276 -7.71 19.59 13.91
CA TYR A 276 -8.19 18.45 14.70
C TYR A 276 -7.18 17.30 14.68
N LEU A 277 -6.21 17.35 13.77
CA LEU A 277 -5.21 16.31 13.64
C LEU A 277 -4.15 16.30 14.74
N LYS A 278 -4.27 17.21 15.70
CA LYS A 278 -3.31 17.29 16.80
C LYS A 278 -3.08 15.96 17.51
N ASN A 279 -4.17 15.25 17.78
CA ASN A 279 -4.12 13.97 18.46
C ASN A 279 -4.31 12.81 17.48
N TRP A 280 -3.91 13.02 16.24
CA TRP A 280 -4.01 12.00 15.19
C TRP A 280 -3.37 10.72 15.67
N GLY A 281 -3.89 9.59 15.21
CA GLY A 281 -3.34 8.31 15.62
C GLY A 281 -4.35 7.63 16.51
N GLU A 282 -3.86 6.98 17.56
CA GLU A 282 -4.74 6.27 18.46
C GLU A 282 -5.81 7.15 19.09
N GLY A 283 -5.55 8.46 19.18
CA GLY A 283 -6.52 9.39 19.74
C GLY A 283 -7.78 9.46 18.89
N TRP A 284 -7.66 9.07 17.62
CA TRP A 284 -8.81 9.08 16.70
C TRP A 284 -9.52 7.73 16.64
N GLY A 285 -9.14 6.82 17.54
CA GLY A 285 -9.73 5.50 17.58
C GLY A 285 -9.09 4.48 16.67
N PHE A 286 -7.88 4.75 16.20
CA PHE A 286 -7.16 3.83 15.33
C PHE A 286 -6.55 2.72 16.16
N MET A 287 -6.05 1.69 15.50
CA MET A 287 -5.42 0.57 16.19
C MET A 287 -4.05 1.03 16.70
N PRO A 288 -3.40 0.21 17.54
CA PRO A 288 -2.09 0.62 18.04
C PRO A 288 -1.13 0.83 16.88
N SER A 289 -0.33 1.88 16.95
CA SER A 289 0.64 2.22 15.93
C SER A 289 1.48 1.03 15.45
N ASP A 290 1.91 0.18 16.37
CA ASP A 290 2.75 -0.98 16.03
C ASP A 290 2.01 -2.17 15.41
N ARG A 291 0.71 -2.02 15.18
CA ARG A 291 -0.07 -3.08 14.56
C ARG A 291 -0.61 -2.54 13.25
N ALA A 292 -0.25 -1.30 12.94
CA ALA A 292 -0.80 -0.68 11.75
C ALA A 292 0.05 -0.48 10.52
N LEU A 293 -0.59 -0.67 9.37
CA LEU A 293 0.03 -0.42 8.07
C LEU A 293 -0.90 0.67 7.54
N VAL A 294 -0.36 1.86 7.32
CA VAL A 294 -1.16 2.98 6.87
C VAL A 294 -0.85 3.42 5.45
N PHE A 295 -1.81 4.10 4.85
CA PHE A 295 -1.73 4.58 3.47
C PHE A 295 -2.86 5.59 3.25
N VAL A 296 -2.75 6.38 2.19
CA VAL A 296 -3.77 7.36 1.88
C VAL A 296 -4.83 6.70 0.99
N ASP A 297 -4.38 5.94 0.01
CA ASP A 297 -5.27 5.22 -0.90
C ASP A 297 -4.56 3.91 -1.24
N ASN A 298 -5.32 2.91 -1.70
CA ASN A 298 -4.76 1.63 -2.10
C ASN A 298 -5.37 1.27 -3.46
N HIS A 299 -4.87 0.23 -4.12
CA HIS A 299 -5.40 -0.13 -5.45
C HIS A 299 -6.92 -0.22 -5.57
N ASP A 300 -7.58 -0.57 -4.48
CA ASP A 300 -9.03 -0.72 -4.46
C ASP A 300 -9.80 0.59 -4.37
N ASN A 301 -9.57 1.34 -3.30
CA ASN A 301 -10.32 2.58 -3.10
C ASN A 301 -9.99 3.77 -3.98
N GLN A 302 -8.91 3.70 -4.75
CA GLN A 302 -8.58 4.81 -5.64
C GLN A 302 -9.53 4.79 -6.84
N ARG A 303 -10.23 3.66 -7.03
CA ARG A 303 -11.17 3.47 -8.12
C ARG A 303 -12.55 3.00 -7.69
N GLY A 304 -12.99 3.42 -6.51
CA GLY A 304 -14.31 3.05 -6.03
C GLY A 304 -14.53 1.70 -5.37
N HIS A 305 -13.57 0.78 -5.51
CA HIS A 305 -13.71 -0.55 -4.91
C HIS A 305 -13.32 -0.51 -3.43
N GLY A 306 -13.57 -1.59 -2.70
CA GLY A 306 -13.21 -1.64 -1.30
C GLY A 306 -13.96 -0.62 -0.45
N ALA A 307 -13.25 0.07 0.45
CA ALA A 307 -13.85 1.06 1.34
C ALA A 307 -13.10 2.39 1.49
N GLY A 308 -13.86 3.45 1.67
CA GLY A 308 -13.32 4.78 1.84
C GLY A 308 -14.30 5.76 1.22
N GLY A 309 -14.79 5.41 0.04
CA GLY A 309 -15.76 6.25 -0.65
C GLY A 309 -15.19 7.45 -1.36
N ALA A 310 -16.00 8.49 -1.47
CA ALA A 310 -15.60 9.70 -2.16
C ALA A 310 -14.50 10.51 -1.47
N SER A 311 -14.40 10.37 -0.15
CA SER A 311 -13.40 11.12 0.61
C SER A 311 -11.96 10.76 0.31
N ILE A 312 -11.73 9.57 -0.22
CA ILE A 312 -10.38 9.11 -0.54
C ILE A 312 -9.67 10.00 -1.57
N LEU A 313 -8.44 10.40 -1.24
CA LEU A 313 -7.64 11.24 -2.13
C LEU A 313 -6.74 10.35 -2.98
N THR A 314 -6.60 10.67 -4.26
CA THR A 314 -5.78 9.90 -5.18
C THR A 314 -4.94 10.86 -6.02
N PHE A 315 -4.12 10.32 -6.91
CA PHE A 315 -3.29 11.14 -7.77
C PHE A 315 -4.13 12.07 -8.65
N TRP A 316 -5.42 11.76 -8.78
CA TRP A 316 -6.33 12.57 -9.58
C TRP A 316 -6.49 13.96 -8.97
N ASP A 317 -6.39 14.04 -7.65
CA ASP A 317 -6.49 15.30 -6.91
C ASP A 317 -5.09 15.58 -6.40
N ALA A 318 -4.16 15.66 -7.33
CA ALA A 318 -2.74 15.85 -7.03
C ALA A 318 -2.38 16.78 -5.88
N ARG A 319 -2.88 18.02 -5.92
CA ARG A 319 -2.55 19.00 -4.89
C ARG A 319 -2.88 18.56 -3.46
N LEU A 320 -4.11 18.13 -3.23
CA LEU A 320 -4.53 17.67 -1.91
C LEU A 320 -3.90 16.33 -1.58
N TYR A 321 -3.70 15.51 -2.60
CA TYR A 321 -3.09 14.21 -2.43
C TYR A 321 -1.70 14.39 -1.85
N LYS A 322 -0.93 15.32 -2.42
CA LYS A 322 0.41 15.57 -1.92
C LYS A 322 0.46 16.04 -0.47
N VAL A 323 -0.51 16.85 -0.04
CA VAL A 323 -0.45 17.29 1.35
C VAL A 323 -0.82 16.15 2.32
N ALA A 324 -1.74 15.28 1.91
CA ALA A 324 -2.16 14.14 2.72
C ALA A 324 -1.01 13.13 2.84
N VAL A 325 -0.36 12.83 1.73
CA VAL A 325 0.77 11.89 1.74
C VAL A 325 1.89 12.50 2.57
N GLY A 326 2.11 13.81 2.41
CA GLY A 326 3.14 14.50 3.17
C GLY A 326 2.86 14.44 4.67
N PHE A 327 1.60 14.63 5.06
CA PHE A 327 1.25 14.57 6.47
C PHE A 327 1.50 13.16 7.01
N MET A 328 1.06 12.15 6.26
CA MET A 328 1.25 10.75 6.63
C MET A 328 2.72 10.38 6.83
N LEU A 329 3.53 10.71 5.83
CA LEU A 329 4.97 10.43 5.86
C LEU A 329 5.72 11.18 6.96
N ALA A 330 5.11 12.26 7.47
CA ALA A 330 5.72 13.05 8.53
C ALA A 330 5.31 12.59 9.93
N HIS A 331 4.08 12.12 10.06
CA HIS A 331 3.54 11.66 11.35
C HIS A 331 4.10 10.28 11.73
N PRO A 332 4.51 10.11 13.00
CA PRO A 332 5.07 8.85 13.51
C PRO A 332 4.17 7.62 13.56
N TYR A 333 2.88 7.79 13.31
CA TYR A 333 1.95 6.67 13.39
C TYR A 333 2.03 5.64 12.25
N GLY A 334 2.10 4.37 12.64
CA GLY A 334 2.12 3.25 11.72
C GLY A 334 3.27 3.11 10.74
N PHE A 335 3.22 2.03 9.95
CA PHE A 335 4.22 1.77 8.93
C PHE A 335 3.54 2.17 7.64
N THR A 336 4.15 3.13 6.96
CA THR A 336 3.61 3.72 5.74
C THR A 336 3.79 3.03 4.40
N ARG A 337 2.72 2.99 3.61
CA ARG A 337 2.78 2.41 2.27
C ARG A 337 2.41 3.52 1.27
N VAL A 338 3.24 3.69 0.26
CA VAL A 338 3.04 4.70 -0.77
C VAL A 338 2.49 4.00 -2.02
N MET A 339 1.49 4.61 -2.64
CA MET A 339 0.87 4.05 -3.82
C MET A 339 1.53 4.53 -5.11
N SER A 340 1.59 3.65 -6.11
CA SER A 340 2.14 3.98 -7.42
C SER A 340 1.15 3.39 -8.42
N SER A 341 0.43 4.26 -9.13
CA SER A 341 -0.61 3.83 -10.05
C SER A 341 -0.36 4.04 -11.53
N TYR A 342 -1.40 3.80 -12.31
CA TYR A 342 -1.41 4.00 -13.75
C TYR A 342 -2.70 4.77 -14.04
N ARG A 343 -2.65 5.57 -15.09
CA ARG A 343 -3.77 6.40 -15.50
C ARG A 343 -4.75 5.57 -16.33
N TRP A 344 -6.04 5.78 -16.12
CA TRP A 344 -7.06 5.08 -16.88
C TRP A 344 -8.17 6.06 -17.25
N ALA A 345 -8.94 5.73 -18.28
CA ALA A 345 -10.00 6.60 -18.74
C ALA A 345 -11.25 6.51 -17.86
N ARG A 346 -11.33 7.35 -16.84
CA ARG A 346 -12.50 7.34 -15.96
C ARG A 346 -13.72 7.84 -16.74
N ASN A 347 -14.90 7.32 -16.40
CA ASN A 347 -16.13 7.72 -17.06
C ASN A 347 -17.24 7.54 -16.05
N PHE A 348 -17.60 8.62 -15.39
CA PHE A 348 -18.64 8.61 -14.37
C PHE A 348 -20.05 8.76 -14.88
N VAL A 349 -20.85 7.70 -14.75
CA VAL A 349 -22.25 7.76 -15.14
C VAL A 349 -22.97 7.49 -13.82
N ASN A 350 -23.72 8.49 -13.36
CA ASN A 350 -24.46 8.40 -12.09
C ASN A 350 -23.57 8.27 -10.86
N GLY A 351 -22.45 8.99 -10.87
CA GLY A 351 -21.53 8.96 -9.74
C GLY A 351 -20.80 7.64 -9.57
N GLU A 352 -20.76 6.86 -10.64
CA GLU A 352 -20.08 5.58 -10.63
C GLU A 352 -19.19 5.53 -11.87
N ASP A 353 -17.93 5.17 -11.68
CA ASP A 353 -16.98 5.08 -12.77
C ASP A 353 -17.19 3.73 -13.45
N VAL A 354 -17.74 3.74 -14.65
CA VAL A 354 -17.99 2.50 -15.37
C VAL A 354 -16.74 1.87 -15.96
N ASN A 355 -15.62 2.59 -15.84
CA ASN A 355 -14.35 2.09 -16.36
C ASN A 355 -13.40 1.71 -15.24
N ASP A 356 -13.93 1.48 -14.04
CA ASP A 356 -13.09 1.12 -12.89
C ASP A 356 -12.41 -0.23 -13.06
N TRP A 357 -12.78 -0.96 -14.10
CA TRP A 357 -12.23 -2.29 -14.37
C TRP A 357 -10.93 -2.27 -15.19
N ILE A 358 -10.67 -1.18 -15.90
CA ILE A 358 -9.51 -1.07 -16.77
C ILE A 358 -8.20 -1.55 -16.16
N GLY A 359 -7.55 -2.47 -16.87
CA GLY A 359 -6.30 -3.02 -16.41
C GLY A 359 -5.14 -2.09 -16.72
N PRO A 360 -3.91 -2.50 -16.37
CA PRO A 360 -2.70 -1.69 -16.61
C PRO A 360 -2.46 -1.37 -18.07
N PRO A 361 -1.67 -0.31 -18.34
CA PRO A 361 -1.33 0.13 -19.70
C PRO A 361 -0.91 -1.11 -20.48
N ASN A 362 -1.53 -1.34 -21.63
CA ASN A 362 -1.22 -2.54 -22.38
C ASN A 362 -1.37 -2.38 -23.88
N ASN A 363 -0.77 -3.34 -24.58
CA ASN A 363 -0.83 -3.41 -26.04
C ASN A 363 -1.52 -4.71 -26.36
N ASN A 364 -2.84 -4.68 -26.51
CA ASN A 364 -3.61 -5.88 -26.82
C ASN A 364 -3.38 -6.96 -25.77
N GLY A 365 -3.52 -6.56 -24.50
CA GLY A 365 -3.35 -7.52 -23.41
C GLY A 365 -2.00 -7.58 -22.75
N VAL A 366 -0.92 -7.29 -23.48
CA VAL A 366 0.41 -7.33 -22.90
C VAL A 366 0.82 -5.99 -22.29
N ILE A 367 1.21 -6.03 -21.02
CA ILE A 367 1.59 -4.83 -20.26
C ILE A 367 2.77 -4.05 -20.83
N LYS A 368 2.57 -2.74 -21.00
CA LYS A 368 3.59 -1.85 -21.51
C LYS A 368 4.70 -1.63 -20.51
N GLU A 369 5.91 -1.42 -21.01
CA GLU A 369 7.05 -1.17 -20.15
C GLU A 369 6.93 0.22 -19.51
N VAL A 370 7.60 0.39 -18.37
CA VAL A 370 7.60 1.66 -17.69
C VAL A 370 8.75 2.46 -18.31
N THR A 371 8.43 3.48 -19.10
CA THR A 371 9.47 4.30 -19.70
C THR A 371 9.77 5.48 -18.77
N ILE A 372 11.06 5.79 -18.63
CA ILE A 372 11.46 6.90 -17.78
C ILE A 372 11.85 8.09 -18.67
N ASN A 373 11.30 9.25 -18.35
CA ASN A 373 11.57 10.47 -19.10
C ASN A 373 12.75 11.20 -18.47
N ALA A 374 13.35 12.10 -19.24
CA ALA A 374 14.49 12.91 -18.80
C ALA A 374 14.21 13.64 -17.48
N ASP A 375 12.99 14.13 -17.30
CA ASP A 375 12.61 14.84 -16.08
C ASP A 375 12.28 13.90 -14.92
N THR A 376 12.70 12.64 -15.04
CA THR A 376 12.48 11.58 -14.05
C THR A 376 11.05 11.09 -13.86
N THR A 377 10.13 11.51 -14.73
CA THR A 377 8.75 11.07 -14.64
C THR A 377 8.61 9.82 -15.51
N CYS A 378 7.45 9.18 -15.49
CA CYS A 378 7.22 7.99 -16.28
C CYS A 378 6.35 8.23 -17.49
N GLY A 379 6.51 7.38 -18.50
CA GLY A 379 5.72 7.49 -19.70
C GLY A 379 4.79 6.30 -19.73
N ASN A 380 4.15 6.08 -20.87
CA ASN A 380 3.21 4.96 -21.05
C ASN A 380 2.03 4.93 -20.07
N ASP A 381 1.67 6.10 -19.56
CA ASP A 381 0.55 6.25 -18.63
C ASP A 381 0.74 5.70 -17.21
N TRP A 382 1.99 5.50 -16.82
CA TRP A 382 2.24 5.06 -15.45
C TRP A 382 2.42 6.41 -14.76
N VAL A 383 1.65 6.69 -13.71
CA VAL A 383 1.80 8.00 -13.07
C VAL A 383 3.03 8.13 -12.19
N CYS A 384 3.46 7.03 -11.58
CA CYS A 384 4.65 7.03 -10.74
C CYS A 384 4.71 8.08 -9.63
N GLU A 385 3.72 8.09 -8.75
CA GLU A 385 3.66 9.04 -7.63
C GLU A 385 4.96 8.99 -6.82
N HIS A 386 5.54 7.80 -6.71
CA HIS A 386 6.78 7.64 -5.94
C HIS A 386 7.97 8.42 -6.49
N ARG A 387 7.84 8.93 -7.71
CA ARG A 387 8.88 9.72 -8.34
C ARG A 387 8.60 11.23 -8.23
N TRP A 388 7.40 11.59 -7.78
CA TRP A 388 7.06 13.01 -7.60
C TRP A 388 8.00 13.53 -6.51
N ARG A 389 8.67 14.65 -6.74
CA ARG A 389 9.61 15.22 -5.78
C ARG A 389 9.03 15.34 -4.39
N GLU A 390 7.82 15.85 -4.32
CA GLU A 390 7.10 16.06 -3.07
C GLU A 390 6.90 14.78 -2.31
N ILE A 391 6.74 13.68 -3.02
CA ILE A 391 6.55 12.39 -2.37
C ILE A 391 7.89 11.73 -2.05
N ARG A 392 8.80 11.66 -3.02
CA ARG A 392 10.09 11.04 -2.76
C ARG A 392 10.89 11.72 -1.66
N ASN A 393 10.76 13.04 -1.54
CA ASN A 393 11.49 13.79 -0.53
C ASN A 393 10.89 13.58 0.87
N MET A 394 9.59 13.27 0.94
CA MET A 394 8.95 13.00 2.21
C MET A 394 9.28 11.58 2.68
N VAL A 395 9.55 10.69 1.74
CA VAL A 395 9.96 9.32 2.08
C VAL A 395 11.32 9.47 2.76
N TRP A 396 12.15 10.35 2.20
CA TRP A 396 13.48 10.63 2.74
C TRP A 396 13.33 11.23 4.15
N PHE A 397 12.41 12.18 4.27
CA PHE A 397 12.12 12.85 5.53
C PHE A 397 11.83 11.80 6.60
N ARG A 398 10.95 10.85 6.29
CA ARG A 398 10.58 9.81 7.24
C ARG A 398 11.80 9.02 7.70
N ASN A 399 12.70 8.72 6.76
CA ASN A 399 13.93 7.98 7.09
C ASN A 399 14.74 8.81 8.07
N VAL A 400 15.01 10.06 7.69
CA VAL A 400 15.78 11.00 8.50
C VAL A 400 15.28 11.19 9.95
N VAL A 401 13.98 11.36 10.13
CA VAL A 401 13.42 11.59 11.47
C VAL A 401 12.95 10.34 12.21
N ASP A 402 13.21 9.17 11.65
CA ASP A 402 12.79 7.92 12.26
C ASP A 402 13.17 7.84 13.74
N GLY A 403 12.19 7.54 14.59
CA GLY A 403 12.46 7.43 16.02
C GLY A 403 12.36 8.71 16.83
N GLU A 404 12.29 9.85 16.17
CA GLU A 404 12.16 11.13 16.85
C GLU A 404 10.68 11.29 17.20
N PRO A 405 10.39 11.78 18.41
CA PRO A 405 8.99 11.96 18.80
C PRO A 405 8.27 13.16 18.23
N PHE A 406 6.95 13.03 18.13
CA PHE A 406 6.07 14.08 17.66
C PHE A 406 6.31 15.23 18.64
N ALA A 407 6.52 16.45 18.12
CA ALA A 407 6.77 17.60 18.99
C ALA A 407 6.45 18.92 18.32
N ASN A 408 6.48 19.98 19.12
CA ASN A 408 6.23 21.35 18.64
C ASN A 408 5.02 21.54 17.73
N TRP A 409 3.88 21.01 18.15
CA TRP A 409 2.66 21.15 17.39
C TRP A 409 2.19 22.61 17.46
N TRP A 410 1.64 23.08 16.36
CA TRP A 410 1.11 24.43 16.26
C TRP A 410 -0.05 24.40 15.28
N ASP A 411 -1.05 25.24 15.53
CA ASP A 411 -2.20 25.36 14.64
C ASP A 411 -2.84 26.74 14.82
N ASN A 412 -3.54 27.21 13.80
CA ASN A 412 -4.19 28.50 13.85
C ASN A 412 -5.66 28.36 14.22
N GLY A 413 -6.02 27.20 14.75
CA GLY A 413 -7.39 26.94 15.14
C GLY A 413 -8.31 26.66 13.96
N SER A 414 -7.73 26.53 12.78
CA SER A 414 -8.52 26.26 11.59
C SER A 414 -7.82 25.20 10.73
N ASN A 415 -7.21 25.61 9.62
CA ASN A 415 -6.52 24.66 8.74
C ASN A 415 -5.04 24.92 8.49
N GLN A 416 -4.39 25.69 9.37
CA GLN A 416 -2.97 25.94 9.23
C GLN A 416 -2.42 25.15 10.40
N VAL A 417 -1.51 24.23 10.09
CA VAL A 417 -0.97 23.32 11.08
C VAL A 417 0.54 23.09 10.91
N ALA A 418 1.21 22.71 12.00
CA ALA A 418 2.64 22.45 11.97
C ALA A 418 3.06 21.58 13.14
N PHE A 419 4.08 20.77 12.94
CA PHE A 419 4.62 19.92 13.98
C PHE A 419 5.99 19.47 13.54
N GLY A 420 6.79 19.03 14.51
CA GLY A 420 8.12 18.58 14.24
C GLY A 420 8.33 17.16 14.73
N ARG A 421 9.54 16.67 14.54
CA ARG A 421 9.91 15.33 14.95
C ARG A 421 11.25 15.45 15.65
N GLY A 422 11.19 15.55 16.98
CA GLY A 422 12.40 15.69 17.76
C GLY A 422 13.10 16.95 17.32
N ASN A 423 14.38 16.83 16.98
CA ASN A 423 15.17 17.96 16.53
C ASN A 423 15.72 17.67 15.14
N ARG A 424 15.08 16.76 14.43
CA ARG A 424 15.56 16.39 13.11
C ARG A 424 14.67 16.79 11.94
N GLY A 425 13.46 17.26 12.23
CA GLY A 425 12.58 17.65 11.14
C GLY A 425 11.39 18.45 11.60
N PHE A 426 10.83 19.25 10.68
CA PHE A 426 9.68 20.10 10.97
C PHE A 426 8.90 20.26 9.65
N ILE A 427 7.58 20.32 9.74
CA ILE A 427 6.74 20.46 8.56
C ILE A 427 5.61 21.47 8.83
N VAL A 428 5.30 22.30 7.85
CA VAL A 428 4.26 23.31 7.98
C VAL A 428 3.24 23.13 6.87
N PHE A 429 1.96 23.31 7.18
CA PHE A 429 0.87 23.16 6.22
C PHE A 429 -0.07 24.37 6.24
N ASN A 430 -0.58 24.74 5.08
CA ASN A 430 -1.55 25.83 4.97
C ASN A 430 -2.67 25.35 4.07
N ASN A 431 -3.76 24.90 4.68
CA ASN A 431 -4.91 24.42 3.91
C ASN A 431 -6.10 25.36 4.08
N ASP A 432 -5.81 26.58 4.56
CA ASP A 432 -6.85 27.58 4.76
C ASP A 432 -6.93 28.45 3.51
N ASP A 433 -8.01 29.20 3.37
CA ASP A 433 -8.20 30.08 2.22
C ASP A 433 -7.54 31.44 2.39
N TRP A 434 -6.45 31.50 3.15
CA TRP A 434 -5.72 32.74 3.35
C TRP A 434 -4.24 32.49 3.64
N GLN A 435 -3.47 33.57 3.64
CA GLN A 435 -2.04 33.52 3.85
C GLN A 435 -1.58 33.04 5.22
N LEU A 436 -0.47 32.30 5.22
CA LEU A 436 0.15 31.82 6.44
C LEU A 436 1.47 32.58 6.48
N SER A 437 1.71 33.32 7.56
CA SER A 437 2.95 34.06 7.73
C SER A 437 3.17 34.11 9.23
N SER A 438 4.01 33.21 9.73
CA SER A 438 4.27 33.16 11.15
C SER A 438 5.67 32.72 11.49
N THR A 439 6.12 33.09 12.68
CA THR A 439 7.43 32.70 13.16
C THR A 439 7.11 31.55 14.11
N LEU A 440 7.50 30.33 13.73
CA LEU A 440 7.23 29.14 14.53
C LEU A 440 8.49 28.51 15.12
N GLN A 441 8.31 27.81 16.24
CA GLN A 441 9.42 27.11 16.90
C GLN A 441 9.53 25.78 16.17
N THR A 442 10.66 25.55 15.54
CA THR A 442 10.88 24.33 14.79
C THR A 442 11.49 23.20 15.60
N GLY A 443 12.19 23.56 16.67
CA GLY A 443 12.85 22.57 17.49
C GLY A 443 14.14 22.11 16.84
N LEU A 444 14.50 22.73 15.72
CA LEU A 444 15.70 22.39 14.97
C LEU A 444 16.84 23.36 15.30
N PRO A 445 18.09 22.89 15.19
CA PRO A 445 19.22 23.76 15.48
C PRO A 445 19.34 24.85 14.41
N GLY A 446 19.90 26.00 14.79
CA GLY A 446 20.03 27.12 13.86
C GLY A 446 20.76 26.80 12.57
N GLY A 447 20.35 27.45 11.49
CA GLY A 447 20.99 27.23 10.20
C GLY A 447 20.05 27.49 9.06
N THR A 448 20.51 27.27 7.84
CA THR A 448 19.68 27.47 6.67
C THR A 448 19.30 26.11 6.09
N TYR A 449 18.00 25.85 5.98
CA TYR A 449 17.51 24.57 5.49
C TYR A 449 16.81 24.70 4.14
N CYS A 450 17.00 23.71 3.27
CA CYS A 450 16.33 23.70 1.98
C CYS A 450 14.97 23.06 2.20
N ASP A 451 13.94 23.65 1.62
CA ASP A 451 12.60 23.10 1.73
C ASP A 451 12.61 21.95 0.73
N VAL A 452 12.33 20.73 1.19
CA VAL A 452 12.34 19.55 0.32
C VAL A 452 11.05 19.35 -0.47
N ILE A 453 10.07 20.20 -0.24
CA ILE A 453 8.82 20.10 -0.97
C ILE A 453 8.93 20.89 -2.28
N SER A 454 9.50 22.11 -2.22
CA SER A 454 9.64 22.94 -3.42
C SER A 454 10.94 22.68 -4.17
N GLY A 455 11.92 22.10 -3.50
CA GLY A 455 13.18 21.83 -4.15
C GLY A 455 13.99 20.76 -3.46
N ASP A 456 15.28 20.76 -3.74
CA ASP A 456 16.22 19.81 -3.19
C ASP A 456 17.49 20.56 -2.80
N LYS A 457 18.32 19.90 -2.02
CA LYS A 457 19.60 20.47 -1.61
C LYS A 457 20.62 19.91 -2.58
N VAL A 458 21.15 20.75 -3.46
CA VAL A 458 22.16 20.31 -4.42
C VAL A 458 23.51 20.89 -4.02
N GLY A 459 24.40 20.00 -3.59
CA GLY A 459 25.73 20.43 -3.17
C GLY A 459 25.64 21.30 -1.94
N ASN A 460 25.69 22.61 -2.14
CA ASN A 460 25.62 23.55 -1.04
C ASN A 460 24.64 24.65 -1.39
N SER A 461 23.59 24.28 -2.08
CA SER A 461 22.57 25.22 -2.50
C SER A 461 21.21 24.54 -2.49
N CYS A 462 20.17 25.35 -2.39
CA CYS A 462 18.81 24.86 -2.41
C CYS A 462 18.25 25.22 -3.77
N THR A 463 17.44 24.34 -4.35
CA THR A 463 16.85 24.62 -5.65
C THR A 463 15.47 25.24 -5.48
N GLY A 464 14.97 25.23 -4.24
CA GLY A 464 13.67 25.81 -3.96
C GLY A 464 13.75 26.80 -2.81
N ILE A 465 12.72 26.81 -1.97
CA ILE A 465 12.64 27.71 -0.82
C ILE A 465 13.72 27.36 0.20
N LYS A 466 14.27 28.40 0.83
CA LYS A 466 15.30 28.25 1.86
C LYS A 466 14.67 28.80 3.12
N VAL A 467 14.94 28.15 4.24
CA VAL A 467 14.38 28.58 5.51
C VAL A 467 15.51 28.82 6.48
N TYR A 468 15.59 30.04 6.99
CA TYR A 468 16.64 30.39 7.96
C TYR A 468 16.08 30.23 9.38
N VAL A 469 16.69 29.33 10.15
CA VAL A 469 16.27 29.08 11.53
C VAL A 469 17.26 29.72 12.47
N SER A 470 16.75 30.53 13.39
CA SER A 470 17.60 31.23 14.36
C SER A 470 18.19 30.27 15.39
N SER A 471 19.11 30.78 16.19
CA SER A 471 19.78 30.00 17.23
C SER A 471 18.78 29.42 18.23
N ASP A 472 17.62 30.06 18.36
CA ASP A 472 16.61 29.58 19.30
C ASP A 472 15.56 28.68 18.64
N GLY A 473 15.85 28.17 17.46
CA GLY A 473 14.94 27.27 16.78
C GLY A 473 13.77 27.87 16.03
N THR A 474 13.51 29.16 16.17
CA THR A 474 12.39 29.76 15.45
C THR A 474 12.74 30.09 13.99
N ALA A 475 11.71 30.19 13.17
CA ALA A 475 11.85 30.51 11.75
C ALA A 475 10.52 31.05 11.26
N GLN A 476 10.55 31.81 10.16
CA GLN A 476 9.33 32.35 9.60
C GLN A 476 8.91 31.52 8.42
N PHE A 477 7.61 31.23 8.34
CA PHE A 477 7.07 30.45 7.24
C PHE A 477 6.03 31.31 6.57
N SER A 478 6.19 31.50 5.27
CA SER A 478 5.25 32.29 4.49
C SER A 478 4.71 31.38 3.41
N ILE A 479 3.44 30.99 3.56
CA ILE A 479 2.80 30.12 2.59
C ILE A 479 1.48 30.69 2.13
N SER A 480 1.38 30.97 0.84
CA SER A 480 0.17 31.51 0.25
C SER A 480 -0.82 30.38 -0.01
N ASN A 481 -2.11 30.69 0.12
CA ASN A 481 -3.16 29.70 -0.11
C ASN A 481 -3.19 29.27 -1.57
N SER A 482 -2.53 30.04 -2.43
CA SER A 482 -2.50 29.72 -3.85
C SER A 482 -1.15 29.12 -4.28
N ALA A 483 -0.35 28.68 -3.30
CA ALA A 483 0.94 28.07 -3.61
C ALA A 483 0.66 26.72 -4.27
N GLU A 484 1.55 26.30 -5.17
CA GLU A 484 1.37 25.03 -5.88
C GLU A 484 1.35 23.91 -4.84
N ASP A 485 2.27 23.99 -3.90
CA ASP A 485 2.34 23.02 -2.81
C ASP A 485 2.26 23.83 -1.54
N PRO A 486 1.07 23.87 -0.93
CA PRO A 486 0.78 24.62 0.30
C PRO A 486 1.41 24.09 1.57
N PHE A 487 2.62 23.55 1.48
CA PHE A 487 3.32 23.05 2.66
C PHE A 487 4.83 23.06 2.48
N ILE A 488 5.56 23.18 3.59
CA ILE A 488 7.01 23.23 3.60
C ILE A 488 7.52 22.19 4.58
N ALA A 489 8.65 21.56 4.28
CA ALA A 489 9.24 20.56 5.15
C ALA A 489 10.74 20.68 5.09
N ILE A 490 11.37 20.65 6.25
CA ILE A 490 12.81 20.75 6.35
C ILE A 490 13.31 19.69 7.33
N HIS A 491 14.55 19.25 7.19
CA HIS A 491 15.10 18.26 8.09
C HIS A 491 16.62 18.34 8.19
N ALA A 492 17.18 17.63 9.16
CA ALA A 492 18.62 17.62 9.40
C ALA A 492 19.48 17.48 8.16
N GLU A 493 19.04 16.65 7.23
CA GLU A 493 19.80 16.42 6.01
C GLU A 493 19.59 17.41 4.86
N SER A 494 18.69 18.37 5.03
CA SER A 494 18.48 19.36 3.98
C SER A 494 19.13 20.66 4.43
N LYS A 495 19.84 20.59 5.55
CA LYS A 495 20.53 21.73 6.10
C LYS A 495 21.78 22.01 5.27
N LEU A 496 21.99 23.29 4.98
CA LEU A 496 23.13 23.74 4.19
C LEU A 496 24.41 23.77 5.04
#